data_5AF3
#
_entry.id   5AF3
#
_cell.length_a   81.935
_cell.length_b   81.935
_cell.length_c   75.361
_cell.angle_alpha   90.00
_cell.angle_beta   90.00
_cell.angle_gamma   120.00
#
_symmetry.space_group_name_H-M   'P 31'
#
loop_
_entity.id
_entity.type
_entity.pdbx_description
1 polymer VAPBC49
2 non-polymer GLYCEROL
3 water water
#
_entity_poly.entity_id   1
_entity_poly.type   'polypeptide(L)'
_entity_poly.pdbx_seq_one_letter_code
;GAMAGDQELELRFDVPLYTLAEASRYLVVPRATLATWADGYERRPANAPAVQGQPIITALPHPTGSHARLPFVGIAEAYV
LNAFRRAGVPMQRIRPSLDWLIKNVGPHALASQDLCTDGAEVLWRFAERSGEGSPDDLVVRGLIVPRSGQYVFKEIVEHY
LQQISFADDNLASMIRLPQYGDANVVLDPRRGYGQPVFDGSGVRVADVLGPLRAGATFQAVADDYGVTPDQLRDALDAIA
A
;
_entity_poly.pdbx_strand_id   A,B
#
# COMPACT_ATOMS: atom_id res chain seq x y z
N LEU A 11 12.76 -15.69 -20.70
CA LEU A 11 12.05 -16.07 -19.41
C LEU A 11 10.62 -15.47 -19.29
N ARG A 12 10.21 -14.66 -20.27
CA ARG A 12 9.06 -13.74 -20.13
C ARG A 12 7.74 -14.17 -20.76
N PHE A 13 7.74 -15.21 -21.59
CA PHE A 13 6.54 -15.53 -22.41
C PHE A 13 5.86 -16.88 -22.15
N ASP A 14 6.66 -17.91 -21.94
CA ASP A 14 6.14 -19.29 -22.03
C ASP A 14 5.88 -19.97 -20.68
N VAL A 15 6.43 -19.40 -19.61
CA VAL A 15 6.32 -19.97 -18.26
C VAL A 15 5.46 -19.12 -17.29
N PRO A 16 4.30 -19.67 -16.83
CA PRO A 16 3.50 -18.91 -15.87
C PRO A 16 4.25 -18.75 -14.55
N LEU A 17 4.45 -17.50 -14.16
CA LEU A 17 5.34 -17.14 -13.08
C LEU A 17 4.56 -16.67 -11.85
N TYR A 18 3.34 -16.16 -12.06
CA TYR A 18 2.57 -15.51 -11.02
C TYR A 18 1.18 -16.13 -10.90
N THR A 19 0.74 -16.44 -9.67
CA THR A 19 -0.67 -16.79 -9.46
C THR A 19 -1.41 -15.45 -9.49
N LEU A 20 -2.76 -15.47 -9.59
CA LEU A 20 -3.50 -14.19 -9.58
C LEU A 20 -3.45 -13.52 -8.22
N ALA A 21 -3.41 -14.34 -7.17
CA ALA A 21 -3.22 -13.85 -5.80
C ALA A 21 -1.94 -13.01 -5.64
N GLU A 22 -0.82 -13.54 -6.14
CA GLU A 22 0.47 -12.83 -6.05
C GLU A 22 0.41 -11.54 -6.85
N ALA A 23 -0.12 -11.63 -8.09
CA ALA A 23 -0.14 -10.47 -8.97
C ALA A 23 -1.02 -9.36 -8.40
N SER A 24 -2.10 -9.77 -7.73
CA SER A 24 -2.98 -8.79 -7.08
C SER A 24 -2.20 -7.99 -6.03
N ARG A 25 -1.34 -8.65 -5.27
CA ARG A 25 -0.57 -7.98 -4.21
C ARG A 25 0.50 -7.08 -4.80
N TYR A 26 1.27 -7.63 -5.74
CA TYR A 26 2.36 -6.85 -6.33
C TYR A 26 1.91 -5.62 -7.12
N LEU A 27 0.81 -5.76 -7.88
CA LEU A 27 0.24 -4.69 -8.71
C LEU A 27 -0.76 -3.79 -7.96
N VAL A 28 -1.21 -4.24 -6.79
CA VAL A 28 -2.24 -3.52 -5.99
C VAL A 28 -3.52 -3.35 -6.84
N VAL A 29 -4.11 -4.49 -7.17
CA VAL A 29 -5.31 -4.58 -8.00
C VAL A 29 -6.08 -5.73 -7.42
N PRO A 30 -7.43 -5.62 -7.36
CA PRO A 30 -8.22 -6.73 -6.84
C PRO A 30 -8.02 -8.01 -7.60
N ARG A 31 -7.85 -9.11 -6.87
CA ARG A 31 -7.76 -10.39 -7.54
C ARG A 31 -8.92 -10.68 -8.52
N ALA A 32 -10.14 -10.25 -8.18
CA ALA A 32 -11.27 -10.56 -9.05
C ALA A 32 -11.12 -9.82 -10.38
N THR A 33 -10.54 -8.62 -10.32
CA THR A 33 -10.29 -7.82 -11.50
C THR A 33 -9.31 -8.55 -12.42
N LEU A 34 -8.22 -9.04 -11.84
CA LEU A 34 -7.22 -9.79 -12.59
C LEU A 34 -7.82 -11.04 -13.23
N ALA A 35 -8.70 -11.72 -12.50
CA ALA A 35 -9.34 -12.91 -12.99
C ALA A 35 -10.13 -12.55 -14.24
N THR A 36 -10.87 -11.44 -14.19
CA THR A 36 -11.66 -10.98 -15.36
C THR A 36 -10.72 -10.72 -16.54
N TRP A 37 -9.59 -10.04 -16.28
CA TRP A 37 -8.62 -9.75 -17.32
C TRP A 37 -7.98 -11.00 -17.96
N ALA A 38 -7.73 -12.03 -17.15
CA ALA A 38 -7.05 -13.25 -17.60
C ALA A 38 -7.99 -14.25 -18.27
N ASP A 39 -9.25 -14.22 -17.85
CA ASP A 39 -10.33 -15.07 -18.39
C ASP A 39 -11.34 -14.17 -19.12
N GLN A 54 -13.44 -12.21 -23.86
CA GLN A 54 -12.05 -12.52 -24.20
C GLN A 54 -11.00 -11.84 -23.26
N PRO A 55 -9.88 -12.55 -22.95
CA PRO A 55 -8.81 -12.03 -22.09
C PRO A 55 -8.15 -10.77 -22.63
N ILE A 56 -7.78 -9.85 -21.75
CA ILE A 56 -6.98 -8.70 -22.15
C ILE A 56 -5.54 -8.70 -21.62
N ILE A 57 -5.19 -9.76 -20.88
CA ILE A 57 -3.78 -10.01 -20.52
C ILE A 57 -3.35 -11.43 -20.90
N THR A 58 -2.03 -11.61 -21.03
CA THR A 58 -1.48 -12.91 -21.39
C THR A 58 -1.51 -13.82 -20.15
N ALA A 59 -2.27 -14.91 -20.24
CA ALA A 59 -2.39 -15.91 -19.17
C ALA A 59 -2.28 -17.30 -19.77
N LEU A 60 -1.85 -18.26 -18.96
CA LEU A 60 -1.66 -19.64 -19.43
C LEU A 60 -2.40 -20.55 -18.47
N PRO A 61 -2.79 -21.76 -18.93
CA PRO A 61 -3.51 -22.68 -18.04
C PRO A 61 -2.60 -23.07 -16.86
N HIS A 62 -3.15 -23.18 -15.66
CA HIS A 62 -2.33 -23.41 -14.47
C HIS A 62 -1.65 -24.79 -14.57
N PRO A 63 -0.36 -24.87 -14.17
CA PRO A 63 0.32 -26.17 -14.16
C PRO A 63 -0.35 -27.15 -13.17
N THR A 64 -0.06 -28.43 -13.34
CA THR A 64 -0.57 -29.48 -12.45
C THR A 64 -0.11 -29.14 -11.05
N GLY A 65 -1.04 -29.16 -10.10
CA GLY A 65 -0.75 -28.78 -8.70
C GLY A 65 -0.17 -27.39 -8.46
N SER A 66 -0.59 -26.39 -9.24
CA SER A 66 -0.14 -25.00 -9.07
C SER A 66 -1.23 -24.07 -9.58
N HIS A 67 -1.29 -22.87 -9.03
CA HIS A 67 -2.22 -21.82 -9.55
C HIS A 67 -1.50 -20.73 -10.29
N ALA A 68 -0.27 -20.98 -10.73
CA ALA A 68 0.44 -20.00 -11.57
C ALA A 68 -0.30 -19.79 -12.91
N ARG A 69 -0.40 -18.54 -13.36
CA ARG A 69 -1.19 -18.16 -14.54
C ARG A 69 -0.51 -17.15 -15.48
N LEU A 70 0.15 -16.15 -14.91
CA LEU A 70 0.70 -15.07 -15.74
C LEU A 70 2.19 -15.24 -16.00
N PRO A 71 2.56 -15.30 -17.27
CA PRO A 71 3.99 -15.17 -17.60
C PRO A 71 4.37 -13.71 -17.37
N PHE A 72 5.65 -13.37 -17.44
CA PHE A 72 6.09 -12.02 -17.12
C PHE A 72 5.46 -10.94 -18.03
N VAL A 73 5.37 -11.24 -19.32
CA VAL A 73 4.68 -10.30 -20.23
C VAL A 73 3.23 -10.01 -19.78
N GLY A 74 2.54 -11.03 -19.25
CA GLY A 74 1.17 -10.89 -18.75
C GLY A 74 1.06 -10.00 -17.52
N ILE A 75 1.99 -10.13 -16.57
CA ILE A 75 1.98 -9.21 -15.43
C ILE A 75 2.28 -7.77 -15.85
N ALA A 76 3.08 -7.62 -16.91
CA ALA A 76 3.46 -6.29 -17.41
C ALA A 76 2.20 -5.66 -18.03
N GLU A 77 1.47 -6.46 -18.82
CA GLU A 77 0.19 -6.02 -19.41
C GLU A 77 -0.83 -5.68 -18.29
N ALA A 78 -0.90 -6.52 -17.26
CA ALA A 78 -1.78 -6.26 -16.10
C ALA A 78 -1.38 -4.97 -15.37
N TYR A 79 -0.08 -4.74 -15.25
CA TYR A 79 0.45 -3.56 -14.60
C TYR A 79 0.00 -2.29 -15.35
N VAL A 80 0.12 -2.32 -16.68
CA VAL A 80 -0.28 -1.16 -17.50
C VAL A 80 -1.79 -0.92 -17.45
N LEU A 81 -2.57 -1.97 -17.63
CA LEU A 81 -4.03 -1.88 -17.50
C LEU A 81 -4.45 -1.37 -16.12
N ASN A 82 -3.73 -1.75 -15.07
CA ASN A 82 -4.02 -1.19 -13.74
C ASN A 82 -3.73 0.29 -13.64
N ALA A 83 -2.72 0.75 -14.37
CA ALA A 83 -2.37 2.15 -14.41
C ALA A 83 -3.50 2.87 -15.13
N PHE A 84 -4.06 2.23 -16.18
CA PHE A 84 -5.22 2.78 -16.88
C PHE A 84 -6.43 2.89 -15.91
N ARG A 85 -6.64 1.85 -15.13
CA ARG A 85 -7.76 1.75 -14.19
C ARG A 85 -7.64 2.84 -13.12
N ARG A 86 -6.44 2.98 -12.55
CA ARG A 86 -6.13 4.05 -11.60
C ARG A 86 -6.44 5.44 -12.12
N ALA A 87 -6.28 5.63 -13.44
CA ALA A 87 -6.49 6.93 -14.06
C ALA A 87 -7.97 7.30 -14.26
N GLY A 88 -8.84 6.34 -13.98
CA GLY A 88 -10.32 6.53 -14.16
C GLY A 88 -10.82 5.98 -15.50
N VAL A 89 -9.94 5.31 -16.26
CA VAL A 89 -10.35 4.73 -17.54
C VAL A 89 -11.43 3.63 -17.38
N PRO A 90 -12.54 3.78 -18.12
CA PRO A 90 -13.48 2.70 -18.07
C PRO A 90 -12.91 1.42 -18.67
N MET A 91 -12.99 0.32 -17.92
CA MET A 91 -12.24 -0.91 -18.27
C MET A 91 -13.05 -1.99 -18.97
N GLN A 92 -14.37 -1.95 -18.78
CA GLN A 92 -15.21 -3.06 -19.25
C GLN A 92 -15.28 -3.16 -20.77
N ARG A 93 -15.07 -2.06 -21.49
CA ARG A 93 -15.15 -2.10 -22.95
C ARG A 93 -13.85 -1.63 -23.60
N ILE A 94 -12.74 -1.94 -22.94
CA ILE A 94 -11.43 -1.50 -23.38
C ILE A 94 -10.85 -2.37 -24.52
N ARG A 95 -11.36 -3.60 -24.68
CA ARG A 95 -10.71 -4.53 -25.63
C ARG A 95 -10.51 -3.99 -27.08
N PRO A 96 -11.52 -3.32 -27.66
CA PRO A 96 -11.24 -2.76 -29.01
C PRO A 96 -10.09 -1.77 -29.09
N SER A 97 -9.93 -0.95 -28.05
CA SER A 97 -8.74 -0.07 -27.99
C SER A 97 -7.44 -0.84 -27.93
N LEU A 98 -7.44 -1.90 -27.12
CA LEU A 98 -6.24 -2.77 -27.02
C LEU A 98 -5.93 -3.46 -28.38
N ASP A 99 -6.96 -4.02 -29.03
CA ASP A 99 -6.82 -4.57 -30.41
C ASP A 99 -6.21 -3.56 -31.35
N TRP A 100 -6.72 -2.33 -31.32
CA TRP A 100 -6.19 -1.26 -32.17
C TRP A 100 -4.74 -0.98 -31.86
N LEU A 101 -4.38 -0.87 -30.58
CA LEU A 101 -3.00 -0.66 -30.16
C LEU A 101 -2.07 -1.77 -30.64
N ILE A 102 -2.51 -3.02 -30.50
CA ILE A 102 -1.69 -4.14 -30.95
C ILE A 102 -1.49 -4.03 -32.47
N LYS A 103 -2.56 -3.74 -33.20
CA LYS A 103 -2.50 -3.63 -34.68
C LYS A 103 -1.52 -2.55 -35.15
N ASN A 104 -1.28 -1.52 -34.33
CA ASN A 104 -0.40 -0.41 -34.69
C ASN A 104 0.98 -0.34 -34.04
N VAL A 105 1.04 -0.69 -32.75
CA VAL A 105 2.31 -0.66 -32.00
C VAL A 105 2.99 -2.03 -32.01
N GLY A 106 2.20 -3.08 -32.19
CA GLY A 106 2.74 -4.44 -32.30
C GLY A 106 2.27 -5.41 -31.22
N PRO A 107 2.66 -6.70 -31.34
CA PRO A 107 2.30 -7.70 -30.36
C PRO A 107 2.62 -7.23 -28.94
N HIS A 108 1.77 -7.65 -28.02
CA HIS A 108 1.96 -7.30 -26.59
C HIS A 108 2.23 -5.79 -26.43
N ALA A 109 1.51 -4.95 -27.21
CA ALA A 109 1.78 -3.52 -27.23
C ALA A 109 1.77 -2.85 -25.83
N LEU A 110 0.90 -3.33 -24.92
CA LEU A 110 0.87 -2.77 -23.56
C LEU A 110 2.21 -2.86 -22.85
N ALA A 111 2.98 -3.89 -23.22
CA ALA A 111 4.32 -4.13 -22.63
C ALA A 111 5.46 -3.61 -23.53
N SER A 112 5.10 -2.82 -24.52
CA SER A 112 6.08 -2.32 -25.49
C SER A 112 6.78 -1.04 -25.09
N GLN A 113 8.04 -0.92 -25.50
CA GLN A 113 8.84 0.26 -25.29
C GLN A 113 8.22 1.45 -26.03
N ASP A 114 7.45 1.16 -27.08
CA ASP A 114 6.89 2.23 -27.92
C ASP A 114 5.55 2.76 -27.40
N LEU A 115 5.01 2.08 -26.38
CA LEU A 115 3.68 2.49 -25.88
C LEU A 115 3.75 3.93 -25.38
N CYS A 116 4.70 4.22 -24.51
CA CYS A 116 4.68 5.53 -23.87
C CYS A 116 4.89 6.67 -24.87
N THR A 117 5.76 6.44 -25.87
CA THR A 117 6.08 7.50 -26.84
C THR A 117 5.06 7.60 -28.00
N ASP A 118 4.47 6.47 -28.42
CA ASP A 118 3.59 6.44 -29.61
C ASP A 118 2.12 6.22 -29.36
N GLY A 119 1.80 5.71 -28.16
CA GLY A 119 0.45 5.25 -27.86
C GLY A 119 -0.64 6.33 -27.87
N ALA A 120 -0.34 7.52 -27.38
CA ALA A 120 -1.39 8.56 -27.22
C ALA A 120 -1.93 8.92 -28.61
N GLU A 121 -1.00 9.16 -29.55
CA GLU A 121 -1.37 9.53 -30.93
C GLU A 121 -2.13 8.40 -31.61
N VAL A 122 -1.67 7.15 -31.45
CA VAL A 122 -2.41 5.99 -31.98
C VAL A 122 -3.85 5.92 -31.42
N LEU A 123 -3.98 6.09 -30.11
CA LEU A 123 -5.31 6.00 -29.52
C LEU A 123 -6.23 7.13 -29.94
N TRP A 124 -5.67 8.32 -30.02
CA TRP A 124 -6.43 9.47 -30.50
C TRP A 124 -7.13 9.15 -31.85
N ARG A 125 -6.33 8.67 -32.80
CA ARG A 125 -6.79 8.27 -34.15
C ARG A 125 -7.97 7.29 -34.09
N PHE A 126 -7.90 6.32 -33.17
CA PHE A 126 -8.97 5.36 -32.96
C PHE A 126 -10.27 6.05 -32.47
N ALA A 127 -10.15 6.92 -31.48
CA ALA A 127 -11.34 7.51 -30.87
C ALA A 127 -11.99 8.50 -31.83
N GLU A 128 -11.19 9.12 -32.69
CA GLU A 128 -11.69 10.11 -33.68
C GLU A 128 -12.78 9.49 -34.53
N ARG A 129 -12.49 8.31 -35.06
CA ARG A 129 -13.43 7.61 -35.92
C ARG A 129 -14.56 6.91 -35.16
N SER A 130 -14.43 6.85 -33.83
CA SER A 130 -15.36 6.08 -33.00
C SER A 130 -16.70 6.78 -32.77
N GLY A 131 -16.72 8.10 -32.78
CA GLY A 131 -17.97 8.79 -32.43
C GLY A 131 -17.80 9.45 -31.07
N GLU A 132 -18.16 10.72 -30.98
CA GLU A 132 -17.98 11.47 -29.72
C GLU A 132 -18.78 10.83 -28.58
N GLY A 133 -18.14 10.52 -27.45
CA GLY A 133 -18.84 9.90 -26.33
C GLY A 133 -19.11 8.41 -26.49
N SER A 134 -18.62 7.79 -27.57
CA SER A 134 -18.79 6.34 -27.72
C SER A 134 -17.92 5.67 -26.66
N PRO A 135 -18.13 4.36 -26.40
CA PRO A 135 -17.28 3.66 -25.41
C PRO A 135 -15.78 3.76 -25.73
N ASP A 136 -15.41 3.65 -27.03
CA ASP A 136 -14.01 3.85 -27.38
C ASP A 136 -13.50 5.26 -27.07
N ASP A 137 -14.32 6.29 -27.37
CA ASP A 137 -13.93 7.64 -27.09
C ASP A 137 -13.76 7.83 -25.57
N LEU A 138 -14.61 7.18 -24.79
CA LEU A 138 -14.52 7.34 -23.32
C LEU A 138 -13.26 6.69 -22.77
N VAL A 139 -12.92 5.51 -23.28
CA VAL A 139 -11.60 4.89 -22.94
C VAL A 139 -10.48 5.89 -23.22
N VAL A 140 -10.45 6.40 -24.46
CA VAL A 140 -9.32 7.21 -24.91
C VAL A 140 -9.26 8.56 -24.15
N ARG A 141 -10.44 9.15 -23.89
CA ARG A 141 -10.51 10.38 -23.08
C ARG A 141 -10.01 10.18 -21.67
N GLY A 142 -10.10 8.96 -21.17
CA GLY A 142 -9.58 8.62 -19.83
C GLY A 142 -8.05 8.62 -19.82
N LEU A 143 -7.44 8.38 -20.97
CA LEU A 143 -5.99 8.22 -21.10
C LEU A 143 -5.18 9.44 -21.52
N ILE A 144 -5.77 10.31 -22.36
CA ILE A 144 -4.95 11.29 -23.05
C ILE A 144 -5.51 12.71 -22.89
N VAL A 145 -4.64 13.70 -23.03
CA VAL A 145 -5.04 15.11 -22.95
C VAL A 145 -4.20 15.89 -23.94
N PRO A 146 -4.74 17.05 -24.40
CA PRO A 146 -3.93 18.01 -25.19
C PRO A 146 -2.76 18.60 -24.40
N ARG A 147 -1.60 18.64 -25.01
CA ARG A 147 -0.47 19.38 -24.46
C ARG A 147 0.27 20.03 -25.61
N SER A 148 0.42 21.36 -25.56
CA SER A 148 1.13 22.11 -26.62
C SER A 148 0.62 21.74 -28.03
N GLY A 149 -0.69 21.69 -28.19
CA GLY A 149 -1.31 21.43 -29.48
C GLY A 149 -1.33 20.00 -29.98
N GLN A 150 -0.97 19.04 -29.13
CA GLN A 150 -1.05 17.62 -29.49
C GLN A 150 -1.55 16.78 -28.30
N TYR A 151 -2.06 15.59 -28.59
CA TYR A 151 -2.53 14.69 -27.52
C TYR A 151 -1.38 13.87 -26.97
N VAL A 152 -1.35 13.73 -25.65
CA VAL A 152 -0.31 12.97 -24.96
C VAL A 152 -0.98 12.17 -23.83
N PHE A 153 -0.30 11.18 -23.30
CA PHE A 153 -0.84 10.50 -22.11
C PHE A 153 -0.85 11.45 -20.91
N LYS A 154 -1.92 11.39 -20.12
CA LYS A 154 -1.95 12.08 -18.82
C LYS A 154 -0.74 11.62 -18.00
N GLU A 155 -0.15 12.54 -17.24
CA GLU A 155 1.01 12.21 -16.40
C GLU A 155 0.71 11.14 -15.38
N ILE A 156 -0.54 11.07 -14.92
CA ILE A 156 -0.91 10.04 -13.95
C ILE A 156 -0.73 8.64 -14.55
N VAL A 157 -0.89 8.52 -15.86
CA VAL A 157 -0.60 7.26 -16.60
C VAL A 157 0.92 7.15 -16.88
N GLU A 158 1.51 8.21 -17.42
CA GLU A 158 2.97 8.23 -17.71
C GLU A 158 3.81 7.80 -16.52
N HIS A 159 3.49 8.32 -15.33
CA HIS A 159 4.22 7.92 -14.09
C HIS A 159 4.36 6.40 -13.96
N TYR A 160 3.32 5.64 -14.24
CA TYR A 160 3.45 4.20 -14.20
C TYR A 160 4.21 3.59 -15.40
N LEU A 161 3.94 4.09 -16.61
CA LEU A 161 4.62 3.61 -17.81
C LEU A 161 6.12 3.74 -17.71
N GLN A 162 6.59 4.82 -17.07
CA GLN A 162 8.00 5.16 -16.84
C GLN A 162 8.75 4.15 -15.97
N GLN A 163 8.01 3.34 -15.23
CA GLN A 163 8.62 2.34 -14.31
C GLN A 163 9.13 1.07 -15.01
N ILE A 164 8.78 0.91 -16.30
CA ILE A 164 9.03 -0.33 -16.99
C ILE A 164 10.36 -0.22 -17.72
N SER A 165 11.16 -1.30 -17.65
CA SER A 165 12.44 -1.38 -18.38
C SER A 165 12.27 -2.37 -19.51
N PHE A 166 13.04 -2.21 -20.59
CA PHE A 166 12.81 -3.07 -21.78
C PHE A 166 14.00 -3.92 -22.23
N ALA A 167 13.72 -5.11 -22.76
CA ALA A 167 14.74 -6.03 -23.26
C ALA A 167 15.11 -5.68 -24.71
N ASP A 168 15.92 -6.54 -25.33
CA ASP A 168 16.39 -6.33 -26.72
C ASP A 168 15.22 -6.15 -27.67
N ASP A 169 14.18 -6.95 -27.43
CA ASP A 169 13.01 -6.99 -28.29
C ASP A 169 12.04 -5.82 -28.06
N ASN A 170 12.44 -4.83 -27.27
CA ASN A 170 11.56 -3.67 -26.94
C ASN A 170 10.28 -4.04 -26.17
N LEU A 171 10.25 -5.23 -25.57
CA LEU A 171 9.18 -5.59 -24.62
C LEU A 171 9.71 -5.59 -23.19
N ALA A 172 8.82 -5.31 -22.22
CA ALA A 172 9.18 -5.24 -20.80
C ALA A 172 10.09 -6.41 -20.31
N SER A 173 11.12 -6.02 -19.58
CA SER A 173 11.99 -6.98 -18.94
C SER A 173 12.06 -6.76 -17.41
N MET A 174 11.51 -5.64 -16.93
CA MET A 174 11.56 -5.32 -15.49
C MET A 174 10.54 -4.24 -15.24
N ILE A 175 9.94 -4.27 -14.05
CA ILE A 175 8.96 -3.24 -13.64
C ILE A 175 9.29 -2.83 -12.20
N ARG A 176 9.52 -1.54 -11.99
CA ARG A 176 9.74 -0.98 -10.68
C ARG A 176 8.38 -0.70 -10.04
N LEU A 177 8.20 -1.11 -8.80
CA LEU A 177 6.89 -0.98 -8.08
C LEU A 177 6.96 0.28 -7.19
N PRO A 178 6.32 1.40 -7.65
CA PRO A 178 6.57 2.70 -6.99
C PRO A 178 5.99 2.77 -5.58
N GLN A 179 5.15 1.81 -5.23
CA GLN A 179 4.57 1.74 -3.87
C GLN A 179 5.66 1.43 -2.83
N TYR A 180 6.80 0.89 -3.29
CA TYR A 180 7.93 0.62 -2.39
C TYR A 180 8.91 1.81 -2.29
N GLY A 181 8.65 2.86 -3.04
CA GLY A 181 9.39 4.10 -2.92
C GLY A 181 10.87 3.92 -3.22
N ASP A 182 11.71 4.59 -2.44
CA ASP A 182 13.15 4.54 -2.65
C ASP A 182 13.82 3.19 -2.34
N ALA A 183 13.05 2.17 -1.91
CA ALA A 183 13.60 0.80 -1.86
C ALA A 183 13.90 0.28 -3.27
N ASN A 184 13.35 0.94 -4.30
CA ASN A 184 13.46 0.46 -5.69
C ASN A 184 13.24 -1.04 -5.84
N VAL A 185 12.05 -1.48 -5.48
CA VAL A 185 11.65 -2.86 -5.58
C VAL A 185 11.12 -3.08 -6.98
N VAL A 186 11.56 -4.19 -7.56
CA VAL A 186 11.20 -4.57 -8.92
C VAL A 186 10.65 -5.96 -9.08
N LEU A 187 9.87 -6.16 -10.14
CA LEU A 187 9.58 -7.48 -10.66
C LEU A 187 10.56 -7.71 -11.84
N ASP A 188 11.31 -8.81 -11.75
CA ASP A 188 12.39 -9.12 -12.72
C ASP A 188 12.41 -10.65 -12.82
N PRO A 189 12.09 -11.21 -14.01
CA PRO A 189 12.04 -12.68 -14.10
C PRO A 189 13.45 -13.33 -13.91
N ARG A 190 14.49 -12.51 -13.93
CA ARG A 190 15.87 -13.05 -13.79
C ARG A 190 16.31 -13.19 -12.33
N ARG A 191 15.50 -12.68 -11.38
CA ARG A 191 15.89 -12.66 -9.96
C ARG A 191 14.71 -12.93 -9.05
N GLY A 192 14.92 -13.73 -8.01
CA GLY A 192 13.87 -14.01 -7.05
C GLY A 192 12.66 -14.71 -7.65
N TYR A 193 12.85 -15.43 -8.76
CA TYR A 193 11.74 -16.03 -9.53
C TYR A 193 10.65 -15.02 -9.98
N GLY A 194 11.04 -13.77 -10.18
CA GLY A 194 10.08 -12.73 -10.60
C GLY A 194 9.28 -12.08 -9.47
N GLN A 195 9.47 -12.56 -8.25
CA GLN A 195 8.85 -11.96 -7.05
C GLN A 195 9.56 -10.64 -6.68
N PRO A 196 8.88 -9.73 -5.94
CA PRO A 196 9.49 -8.43 -5.65
C PRO A 196 10.92 -8.53 -5.03
N VAL A 197 11.90 -7.92 -5.68
CA VAL A 197 13.28 -7.81 -5.15
C VAL A 197 13.72 -6.39 -5.06
N PHE A 198 14.61 -6.12 -4.08
CA PHE A 198 15.35 -4.89 -4.05
C PHE A 198 16.26 -4.93 -5.29
N ASP A 199 16.05 -3.98 -6.22
CA ASP A 199 16.86 -3.94 -7.46
C ASP A 199 18.36 -3.87 -7.09
N GLY A 200 18.66 -3.17 -6.00
CA GLY A 200 20.03 -2.86 -5.61
C GLY A 200 20.83 -4.03 -5.04
N SER A 201 20.15 -5.02 -4.46
CA SER A 201 20.86 -6.22 -3.94
C SER A 201 20.36 -7.56 -4.50
N GLY A 202 19.23 -7.55 -5.23
CA GLY A 202 18.61 -8.77 -5.75
C GLY A 202 17.93 -9.63 -4.69
N VAL A 203 17.77 -9.07 -3.47
CA VAL A 203 17.08 -9.80 -2.37
C VAL A 203 15.57 -9.66 -2.43
N ARG A 204 14.86 -10.78 -2.25
CA ARG A 204 13.40 -10.79 -2.17
C ARG A 204 12.97 -9.99 -0.96
N VAL A 205 12.06 -9.04 -1.18
CA VAL A 205 11.45 -8.32 -0.07
C VAL A 205 10.99 -9.31 0.99
N ALA A 206 10.43 -10.46 0.58
CA ALA A 206 9.93 -11.44 1.53
C ALA A 206 11.02 -11.89 2.52
N ASP A 207 12.29 -11.86 2.07
CA ASP A 207 13.37 -12.42 2.90
C ASP A 207 13.88 -11.48 4.00
N VAL A 208 13.43 -10.21 3.98
CA VAL A 208 13.83 -9.33 5.06
C VAL A 208 12.79 -9.31 6.19
N LEU A 209 11.61 -9.86 5.92
CA LEU A 209 10.46 -9.75 6.86
C LEU A 209 10.63 -10.63 8.10
N GLY A 210 11.07 -11.87 7.87
CA GLY A 210 11.26 -12.82 8.96
C GLY A 210 12.22 -12.27 10.01
N PRO A 211 13.43 -11.85 9.58
CA PRO A 211 14.40 -11.29 10.51
C PRO A 211 13.87 -10.07 11.31
N LEU A 212 13.17 -9.16 10.63
CA LEU A 212 12.59 -7.98 11.33
C LEU A 212 11.52 -8.41 12.32
N ARG A 213 10.64 -9.29 11.88
CA ARG A 213 9.63 -9.87 12.79
C ARG A 213 10.24 -10.54 14.01
N ALA A 214 11.34 -11.24 13.81
CA ALA A 214 12.08 -11.88 14.90
C ALA A 214 12.73 -10.89 15.89
N GLY A 215 12.82 -9.60 15.53
CA GLY A 215 13.36 -8.63 16.43
C GLY A 215 14.74 -8.15 16.12
N ALA A 216 15.29 -8.49 14.95
CA ALA A 216 16.50 -7.81 14.53
C ALA A 216 16.27 -6.32 14.30
N THR A 217 17.31 -5.52 14.52
CA THR A 217 17.20 -4.08 14.30
C THR A 217 17.17 -3.79 12.78
N PHE A 218 16.63 -2.65 12.40
CA PHE A 218 16.67 -2.21 11.01
C PHE A 218 18.11 -2.16 10.48
N GLN A 219 19.05 -1.69 11.31
CA GLN A 219 20.46 -1.59 10.87
C GLN A 219 21.07 -2.97 10.58
N ALA A 220 20.80 -3.92 11.47
CA ALA A 220 21.33 -5.29 11.35
C ALA A 220 20.77 -5.95 10.10
N VAL A 221 19.46 -5.84 9.91
CA VAL A 221 18.84 -6.42 8.69
C VAL A 221 19.36 -5.73 7.42
N ALA A 222 19.46 -4.41 7.45
CA ALA A 222 19.91 -3.65 6.26
C ALA A 222 21.30 -4.09 5.83
N ASP A 223 22.20 -4.20 6.80
CA ASP A 223 23.54 -4.71 6.54
C ASP A 223 23.58 -6.16 6.03
N ASP A 224 22.77 -7.02 6.65
CA ASP A 224 22.74 -8.42 6.28
C ASP A 224 22.17 -8.64 4.88
N TYR A 225 21.30 -7.72 4.41
CA TYR A 225 20.57 -7.93 3.16
C TYR A 225 20.90 -6.92 2.05
N GLY A 226 21.88 -6.06 2.34
CA GLY A 226 22.48 -5.20 1.29
C GLY A 226 21.61 -4.02 0.88
N VAL A 227 20.84 -3.50 1.84
CA VAL A 227 19.98 -2.34 1.58
C VAL A 227 20.25 -1.39 2.72
N THR A 228 19.52 -0.28 2.74
CA THR A 228 19.66 0.71 3.78
C THR A 228 18.47 0.57 4.75
N PRO A 229 18.60 1.05 6.02
CA PRO A 229 17.44 1.07 6.93
C PRO A 229 16.24 1.83 6.37
N ASP A 230 16.48 2.97 5.74
CA ASP A 230 15.37 3.74 5.12
C ASP A 230 14.65 2.94 4.04
N GLN A 231 15.42 2.25 3.21
CA GLN A 231 14.86 1.34 2.21
C GLN A 231 14.04 0.21 2.83
N LEU A 232 14.51 -0.34 3.95
CA LEU A 232 13.73 -1.36 4.64
C LEU A 232 12.39 -0.81 5.13
N ARG A 233 12.41 0.39 5.73
CA ARG A 233 11.15 0.99 6.20
C ARG A 233 10.19 1.18 5.04
N ASP A 234 10.72 1.67 3.91
CA ASP A 234 9.95 1.80 2.67
C ASP A 234 9.34 0.48 2.20
N ALA A 235 10.13 -0.59 2.22
CA ALA A 235 9.60 -1.89 1.83
C ALA A 235 8.48 -2.35 2.77
N LEU A 236 8.69 -2.19 4.08
CA LEU A 236 7.77 -2.68 5.05
C LEU A 236 6.38 -2.08 4.87
N ASP A 237 6.37 -0.78 4.59
CA ASP A 237 5.20 0.13 4.57
C ASP A 237 4.56 0.28 3.19
N ALA A 238 5.07 -0.42 2.19
CA ALA A 238 4.43 -0.43 0.86
C ALA A 238 2.99 -0.98 0.81
N LEU B 11 -11.42 16.59 20.54
CA LEU B 11 -12.13 15.98 19.36
C LEU B 11 -11.93 14.45 19.22
N ARG B 12 -11.28 13.83 20.21
CA ARG B 12 -10.70 12.49 20.07
C ARG B 12 -11.45 11.33 20.72
N PHE B 13 -12.49 11.62 21.52
CA PHE B 13 -13.11 10.56 22.34
C PHE B 13 -14.59 10.23 22.12
N ASP B 14 -15.42 11.26 21.96
CA ASP B 14 -16.87 11.07 22.12
C ASP B 14 -17.68 10.99 20.82
N VAL B 15 -17.03 11.30 19.71
CA VAL B 15 -17.67 11.24 18.39
C VAL B 15 -16.95 10.28 17.40
N PRO B 16 -17.70 9.32 16.81
CA PRO B 16 -17.06 8.45 15.81
C PRO B 16 -16.74 9.18 14.51
N LEU B 17 -15.47 9.14 14.15
CA LEU B 17 -14.94 9.79 12.96
C LEU B 17 -14.79 8.84 11.76
N TYR B 18 -14.56 7.55 12.04
CA TYR B 18 -14.17 6.60 11.01
C TYR B 18 -15.13 5.43 10.91
N THR B 19 -15.52 5.05 9.69
CA THR B 19 -16.26 3.80 9.51
C THR B 19 -15.16 2.73 9.55
N LEU B 20 -15.54 1.45 9.68
CA LEU B 20 -14.51 0.42 9.68
C LEU B 20 -13.86 0.27 8.31
N ALA B 21 -14.65 0.52 7.25
CA ALA B 21 -14.15 0.56 5.87
C ALA B 21 -12.99 1.55 5.69
N GLU B 22 -13.19 2.76 6.19
CA GLU B 22 -12.21 3.84 6.07
C GLU B 22 -10.99 3.48 6.86
N ALA B 23 -11.20 3.00 8.09
CA ALA B 23 -10.07 2.67 8.96
C ALA B 23 -9.23 1.53 8.38
N SER B 24 -9.92 0.58 7.75
CA SER B 24 -9.23 -0.55 7.12
C SER B 24 -8.27 -0.03 6.05
N ARG B 25 -8.72 0.95 5.25
CA ARG B 25 -7.89 1.55 4.21
C ARG B 25 -6.70 2.35 4.77
N TYR B 26 -6.99 3.24 5.71
CA TYR B 26 -5.95 4.10 6.28
C TYR B 26 -4.86 3.34 7.06
N LEU B 27 -5.28 2.33 7.84
CA LEU B 27 -4.38 1.49 8.63
C LEU B 27 -3.74 0.31 7.89
N VAL B 28 -4.31 -0.03 6.73
CA VAL B 28 -3.88 -1.23 5.95
C VAL B 28 -4.05 -2.49 6.83
N VAL B 29 -5.31 -2.77 7.14
CA VAL B 29 -5.70 -3.87 8.00
C VAL B 29 -7.03 -4.33 7.43
N PRO B 30 -7.26 -5.66 7.38
CA PRO B 30 -8.55 -6.14 6.89
C PRO B 30 -9.72 -5.62 7.68
N ARG B 31 -10.76 -5.19 6.96
CA ARG B 31 -11.99 -4.73 7.58
C ARG B 31 -12.55 -5.75 8.61
N ALA B 32 -12.46 -7.05 8.29
CA ALA B 32 -13.01 -8.06 9.20
C ALA B 32 -12.25 -8.11 10.54
N THR B 33 -10.94 -7.88 10.44
CA THR B 33 -10.08 -7.78 11.63
C THR B 33 -10.50 -6.62 12.52
N LEU B 34 -10.74 -5.46 11.93
CA LEU B 34 -11.21 -4.32 12.71
C LEU B 34 -12.57 -4.58 13.32
N ALA B 35 -13.43 -5.27 12.59
CA ALA B 35 -14.75 -5.57 13.11
C ALA B 35 -14.62 -6.39 14.38
N THR B 36 -13.70 -7.36 14.37
CA THR B 36 -13.45 -8.22 15.55
C THR B 36 -12.91 -7.39 16.71
N TRP B 37 -11.98 -6.46 16.41
CA TRP B 37 -11.43 -5.62 17.46
C TRP B 37 -12.47 -4.66 18.07
N ALA B 38 -13.42 -4.19 17.27
CA ALA B 38 -14.41 -3.19 17.72
C ALA B 38 -15.65 -3.80 18.37
N ASP B 39 -16.06 -4.96 17.87
CA ASP B 39 -17.30 -5.63 18.26
C ASP B 39 -17.00 -6.72 19.26
N GLY B 40 -15.72 -7.09 19.36
CA GLY B 40 -15.30 -8.26 20.10
C GLY B 40 -15.61 -9.50 19.30
N GLN B 54 -14.72 -9.54 24.27
CA GLN B 54 -14.85 -8.10 24.45
C GLN B 54 -13.99 -7.27 23.45
N PRO B 55 -14.43 -6.01 23.15
CA PRO B 55 -13.66 -5.12 22.24
C PRO B 55 -12.25 -4.84 22.74
N ILE B 56 -11.29 -4.72 21.83
CA ILE B 56 -9.95 -4.27 22.20
C ILE B 56 -9.58 -2.91 21.61
N ILE B 57 -10.54 -2.31 20.92
CA ILE B 57 -10.43 -0.88 20.55
C ILE B 57 -11.69 -0.09 20.94
N THR B 58 -11.51 1.20 21.09
CA THR B 58 -12.61 2.10 21.45
C THR B 58 -13.46 2.30 20.19
N ALA B 59 -14.71 1.89 20.30
CA ALA B 59 -15.74 2.06 19.27
C ALA B 59 -17.07 2.50 19.90
N LEU B 60 -17.92 3.12 19.10
CA LEU B 60 -19.19 3.70 19.54
C LEU B 60 -20.27 3.18 18.60
N PRO B 61 -21.54 3.10 19.07
CA PRO B 61 -22.63 2.64 18.21
C PRO B 61 -22.77 3.63 17.04
N HIS B 62 -23.03 3.13 15.83
CA HIS B 62 -23.05 3.98 14.64
C HIS B 62 -24.20 4.99 14.74
N PRO B 63 -23.96 6.24 14.33
CA PRO B 63 -25.03 7.26 14.33
C PRO B 63 -26.12 6.85 13.32
N THR B 64 -27.33 7.39 13.51
CA THR B 64 -28.44 7.07 12.62
C THR B 64 -28.06 7.55 11.24
N GLY B 65 -28.25 6.69 10.25
CA GLY B 65 -27.83 6.99 8.87
C GLY B 65 -26.33 7.07 8.59
N SER B 66 -25.52 6.42 9.42
CA SER B 66 -24.06 6.51 9.32
C SER B 66 -23.45 5.18 9.73
N HIS B 67 -22.28 4.87 9.18
CA HIS B 67 -21.52 3.69 9.60
C HIS B 67 -20.30 4.04 10.42
N ALA B 68 -20.21 5.28 10.89
CA ALA B 68 -19.06 5.71 11.71
C ALA B 68 -19.03 4.94 13.03
N ARG B 69 -17.84 4.47 13.45
CA ARG B 69 -17.69 3.64 14.67
C ARG B 69 -16.54 4.07 15.58
N LEU B 70 -15.42 4.48 14.99
CA LEU B 70 -14.21 4.76 15.78
C LEU B 70 -13.95 6.25 16.00
N PRO B 71 -13.89 6.65 17.28
CA PRO B 71 -13.39 8.00 17.60
C PRO B 71 -11.88 7.97 17.35
N PHE B 72 -11.21 9.13 17.39
CA PHE B 72 -9.80 9.17 17.07
C PHE B 72 -8.91 8.27 17.96
N VAL B 73 -9.21 8.25 19.26
CA VAL B 73 -8.48 7.36 20.18
C VAL B 73 -8.57 5.88 19.75
N GLY B 74 -9.74 5.49 19.22
CA GLY B 74 -10.01 4.11 18.74
C GLY B 74 -9.18 3.77 17.50
N ILE B 75 -9.06 4.72 16.57
CA ILE B 75 -8.22 4.45 15.41
C ILE B 75 -6.73 4.36 15.81
N ALA B 76 -6.34 5.13 16.84
CA ALA B 76 -4.96 5.13 17.36
C ALA B 76 -4.69 3.73 17.96
N GLU B 77 -5.60 3.24 18.80
CA GLU B 77 -5.50 1.89 19.38
C GLU B 77 -5.46 0.82 18.26
N ALA B 78 -6.31 0.96 17.25
CA ALA B 78 -6.29 0.03 16.09
C ALA B 78 -4.95 0.09 15.34
N TYR B 79 -4.40 1.29 15.19
CA TYR B 79 -3.12 1.50 14.51
C TYR B 79 -2.01 0.74 15.25
N VAL B 80 -2.00 0.89 16.57
CA VAL B 80 -0.98 0.22 17.39
C VAL B 80 -1.15 -1.32 17.35
N LEU B 81 -2.37 -1.81 17.53
CA LEU B 81 -2.66 -3.26 17.43
C LEU B 81 -2.29 -3.81 16.07
N ASN B 82 -2.50 -3.01 15.03
CA ASN B 82 -2.05 -3.44 13.69
C ASN B 82 -0.53 -3.55 13.57
N ALA B 83 0.20 -2.67 14.27
CA ALA B 83 1.66 -2.72 14.32
C ALA B 83 2.07 -4.01 15.03
N PHE B 84 1.29 -4.36 16.07
CA PHE B 84 1.55 -5.61 16.80
C PHE B 84 1.31 -6.81 15.86
N ARG B 85 0.23 -6.75 15.12
CA ARG B 85 -0.15 -7.84 14.21
C ARG B 85 0.92 -8.01 13.13
N ARG B 86 1.35 -6.90 12.54
CA ARG B 86 2.41 -6.88 11.55
C ARG B 86 3.69 -7.54 12.06
N ALA B 87 3.94 -7.42 13.37
CA ALA B 87 5.17 -7.94 13.97
C ALA B 87 5.13 -9.47 14.15
N GLY B 88 3.96 -10.05 13.90
CA GLY B 88 3.72 -11.50 14.08
C GLY B 88 3.16 -11.85 15.45
N VAL B 89 2.73 -10.84 16.21
CA VAL B 89 2.12 -11.08 17.52
C VAL B 89 0.78 -11.83 17.40
N PRO B 90 0.61 -12.93 18.16
CA PRO B 90 -0.69 -13.61 18.11
C PRO B 90 -1.79 -12.72 18.69
N MET B 91 -2.87 -12.50 17.93
CA MET B 91 -3.84 -11.46 18.29
C MET B 91 -5.09 -11.94 19.01
N GLN B 92 -5.41 -13.22 18.86
CA GLN B 92 -6.69 -13.75 19.35
C GLN B 92 -6.80 -13.75 20.88
N ARG B 93 -5.66 -13.81 21.58
CA ARG B 93 -5.70 -13.89 23.05
C ARG B 93 -4.89 -12.74 23.67
N ILE B 94 -4.89 -11.61 22.97
CA ILE B 94 -4.15 -10.43 23.42
C ILE B 94 -4.82 -9.65 24.56
N ARG B 95 -6.12 -9.85 24.78
CA ARG B 95 -6.84 -8.93 25.70
C ARG B 95 -6.23 -8.84 27.13
N PRO B 96 -5.86 -10.00 27.74
CA PRO B 96 -5.22 -9.88 29.05
C PRO B 96 -3.97 -9.02 29.08
N SER B 97 -3.13 -9.07 28.04
CA SER B 97 -1.98 -8.16 28.00
C SER B 97 -2.40 -6.70 27.91
N LEU B 98 -3.43 -6.42 27.11
CA LEU B 98 -4.00 -5.05 27.02
C LEU B 98 -4.56 -4.58 28.40
N ASP B 99 -5.34 -5.43 29.07
CA ASP B 99 -5.80 -5.12 30.44
C ASP B 99 -4.65 -4.78 31.36
N TRP B 100 -3.59 -5.60 31.33
CA TRP B 100 -2.40 -5.36 32.14
C TRP B 100 -1.78 -4.02 31.83
N LEU B 101 -1.63 -3.70 30.53
CA LEU B 101 -1.04 -2.45 30.09
C LEU B 101 -1.86 -1.23 30.57
N ILE B 102 -3.17 -1.33 30.44
CA ILE B 102 -4.07 -0.27 30.91
C ILE B 102 -3.90 -0.07 32.44
N LYS B 103 -3.84 -1.17 33.17
CA LYS B 103 -3.71 -1.09 34.65
C LYS B 103 -2.42 -0.44 35.11
N ASN B 104 -1.36 -0.48 34.29
CA ASN B 104 -0.05 0.05 34.64
C ASN B 104 0.36 1.35 33.96
N VAL B 105 0.03 1.48 32.68
CA VAL B 105 0.35 2.68 31.90
C VAL B 105 -0.84 3.67 31.92
N GLY B 106 -2.05 3.16 32.12
CA GLY B 106 -3.24 4.01 32.25
C GLY B 106 -4.27 3.86 31.14
N PRO B 107 -5.40 4.60 31.25
CA PRO B 107 -6.49 4.50 30.31
C PRO B 107 -5.97 4.69 28.90
N HIS B 108 -6.58 3.93 27.97
CA HIS B 108 -6.19 4.01 26.55
C HIS B 108 -4.68 3.87 26.36
N ALA B 109 -4.05 2.94 27.11
CA ALA B 109 -2.59 2.83 27.13
C ALA B 109 -1.99 2.65 25.74
N LEU B 110 -2.70 1.93 24.86
CA LEU B 110 -2.17 1.77 23.48
C LEU B 110 -1.94 3.09 22.78
N ALA B 111 -2.76 4.09 23.12
CA ALA B 111 -2.65 5.45 22.54
C ALA B 111 -1.81 6.44 23.41
N SER B 112 -1.15 5.90 24.42
CA SER B 112 -0.37 6.71 25.36
C SER B 112 1.04 7.05 24.91
N GLN B 113 1.47 8.26 25.26
CA GLN B 113 2.83 8.71 25.05
C GLN B 113 3.84 7.82 25.79
N ASP B 114 3.40 7.19 26.88
CA ASP B 114 4.27 6.34 27.71
C ASP B 114 4.42 4.92 27.21
N LEU B 115 3.63 4.55 26.21
CA LEU B 115 3.71 3.17 25.71
C LEU B 115 5.11 2.86 25.20
N CYS B 116 5.63 3.71 24.32
CA CYS B 116 6.86 3.33 23.65
C CYS B 116 8.03 3.23 24.63
N THR B 117 8.04 4.11 25.64
CA THR B 117 9.15 4.17 26.61
C THR B 117 9.01 3.17 27.78
N ASP B 118 7.79 2.92 28.25
CA ASP B 118 7.54 2.10 29.44
C ASP B 118 6.95 0.72 29.18
N GLY B 119 6.36 0.53 27.99
CA GLY B 119 5.52 -0.65 27.77
C GLY B 119 6.27 -2.00 27.76
N ALA B 120 7.48 -2.01 27.25
CA ALA B 120 8.21 -3.31 27.07
C ALA B 120 8.45 -3.92 28.46
N GLU B 121 8.95 -3.10 29.39
CA GLU B 121 9.23 -3.58 30.75
C GLU B 121 7.94 -3.99 31.43
N VAL B 122 6.87 -3.21 31.27
CA VAL B 122 5.58 -3.59 31.84
C VAL B 122 5.10 -4.97 31.30
N LEU B 123 5.20 -5.15 29.99
CA LEU B 123 4.76 -6.42 29.39
C LEU B 123 5.62 -7.58 29.84
N TRP B 124 6.92 -7.34 29.91
CA TRP B 124 7.84 -8.38 30.38
C TRP B 124 7.39 -8.94 31.76
N ARG B 125 7.14 -8.04 32.71
CA ARG B 125 6.66 -8.39 34.06
C ARG B 125 5.43 -9.27 34.02
N PHE B 126 4.50 -8.97 33.10
CA PHE B 126 3.29 -9.76 32.90
C PHE B 126 3.59 -11.19 32.42
N ALA B 127 4.44 -11.32 31.42
CA ALA B 127 4.70 -12.61 30.80
C ALA B 127 5.49 -13.51 31.79
N GLU B 128 6.33 -12.90 32.63
CA GLU B 128 7.13 -13.63 33.64
C GLU B 128 6.26 -14.51 34.51
N ARG B 129 5.20 -13.92 35.04
CA ARG B 129 4.29 -14.63 35.91
C ARG B 129 3.31 -15.55 35.14
N SER B 130 3.28 -15.43 33.82
CA SER B 130 2.30 -16.14 33.03
C SER B 130 2.62 -17.61 32.77
N GLY B 131 3.90 -17.95 32.78
CA GLY B 131 4.29 -19.34 32.48
C GLY B 131 4.92 -19.34 31.11
N GLU B 132 6.06 -20.02 30.98
CA GLU B 132 6.79 -20.02 29.69
C GLU B 132 5.93 -20.65 28.60
N GLY B 133 5.80 -19.97 27.46
CA GLY B 133 4.95 -20.47 26.34
C GLY B 133 3.45 -20.40 26.54
N SER B 134 2.99 -19.77 27.63
CA SER B 134 1.56 -19.54 27.81
C SER B 134 1.11 -18.54 26.73
N PRO B 135 -0.22 -18.40 26.48
CA PRO B 135 -0.69 -17.38 25.51
C PRO B 135 -0.17 -15.97 25.81
N ASP B 136 -0.14 -15.57 27.08
CA ASP B 136 0.41 -14.26 27.42
C ASP B 136 1.90 -14.15 27.08
N ASP B 137 2.69 -15.19 27.38
CA ASP B 137 4.11 -15.18 27.11
C ASP B 137 4.30 -15.06 25.58
N LEU B 138 3.46 -15.75 24.81
CA LEU B 138 3.59 -15.74 23.34
C LEU B 138 3.27 -14.36 22.77
N VAL B 139 2.25 -13.70 23.31
CA VAL B 139 2.02 -12.27 22.93
C VAL B 139 3.27 -11.41 23.19
N VAL B 140 3.82 -11.51 24.41
CA VAL B 140 4.85 -10.59 24.85
C VAL B 140 6.18 -10.91 24.10
N ARG B 141 6.45 -12.22 23.87
CA ARG B 141 7.60 -12.61 23.01
C ARG B 141 7.46 -12.10 21.58
N GLY B 142 6.23 -11.94 21.11
CA GLY B 142 6.02 -11.35 19.78
C GLY B 142 6.44 -9.86 19.75
N LEU B 143 6.40 -9.19 20.89
CA LEU B 143 6.65 -7.73 20.98
C LEU B 143 8.03 -7.25 21.39
N ILE B 144 8.72 -8.03 22.24
CA ILE B 144 9.91 -7.50 22.90
C ILE B 144 11.12 -8.42 22.74
N VAL B 145 12.30 -7.82 22.83
CA VAL B 145 13.59 -8.54 22.70
C VAL B 145 14.56 -7.95 23.71
N PRO B 146 15.52 -8.77 24.18
CA PRO B 146 16.65 -8.21 24.97
C PRO B 146 17.53 -7.26 24.16
N ARG B 147 17.82 -6.10 24.71
CA ARG B 147 18.83 -5.22 24.14
C ARG B 147 19.73 -4.73 25.26
N SER B 148 21.04 -4.90 25.09
CA SER B 148 22.03 -4.36 26.03
C SER B 148 21.61 -4.59 27.48
N GLY B 149 21.14 -5.82 27.77
CA GLY B 149 20.77 -6.24 29.11
C GLY B 149 19.39 -5.89 29.66
N GLN B 150 18.47 -5.45 28.80
CA GLN B 150 17.08 -5.19 29.23
C GLN B 150 16.12 -5.51 28.09
N TYR B 151 14.86 -5.75 28.42
CA TYR B 151 13.87 -5.99 27.37
C TYR B 151 13.35 -4.69 26.78
N VAL B 152 13.25 -4.64 25.45
CA VAL B 152 12.76 -3.44 24.75
C VAL B 152 11.78 -3.88 23.65
N PHE B 153 11.00 -2.95 23.10
CA PHE B 153 10.21 -3.31 21.93
C PHE B 153 11.10 -3.58 20.71
N LYS B 154 10.75 -4.61 19.94
CA LYS B 154 11.38 -4.85 18.64
C LYS B 154 11.26 -3.59 17.80
N GLU B 155 12.30 -3.28 17.03
CA GLU B 155 12.26 -2.08 16.16
C GLU B 155 11.13 -2.07 15.15
N ILE B 156 10.70 -3.25 14.69
CA ILE B 156 9.60 -3.32 13.74
C ILE B 156 8.30 -2.77 14.36
N VAL B 157 8.17 -2.87 15.69
CA VAL B 157 7.04 -2.29 16.44
C VAL B 157 7.34 -0.80 16.69
N GLU B 158 8.54 -0.49 17.17
CA GLU B 158 8.93 0.88 17.50
C GLU B 158 8.71 1.80 16.31
N HIS B 159 9.12 1.34 15.13
CA HIS B 159 8.90 2.10 13.86
C HIS B 159 7.49 2.70 13.78
N TYR B 160 6.50 1.90 14.09
CA TYR B 160 5.14 2.38 14.03
C TYR B 160 4.74 3.24 15.24
N LEU B 161 5.21 2.88 16.43
CA LEU B 161 4.90 3.65 17.61
C LEU B 161 5.41 5.10 17.50
N GLN B 162 6.55 5.25 16.83
CA GLN B 162 7.27 6.52 16.63
C GLN B 162 6.49 7.50 15.74
N GLN B 163 5.50 6.99 15.03
CA GLN B 163 4.68 7.83 14.10
C GLN B 163 3.60 8.64 14.81
N ILE B 164 3.38 8.37 16.09
CA ILE B 164 2.26 8.95 16.81
C ILE B 164 2.72 10.21 17.55
N SER B 165 1.90 11.26 17.45
CA SER B 165 2.14 12.55 18.13
C SER B 165 1.16 12.64 19.27
N PHE B 166 1.52 13.36 20.33
CA PHE B 166 0.66 13.38 21.53
C PHE B 166 0.16 14.76 21.95
N ALA B 167 -1.05 14.80 22.52
CA ALA B 167 -1.68 16.01 23.05
C ALA B 167 -1.23 16.26 24.49
N ASP B 168 -1.77 17.34 25.07
CA ASP B 168 -1.54 17.73 26.48
C ASP B 168 -1.67 16.55 27.45
N ASP B 169 -2.68 15.72 27.19
CA ASP B 169 -3.00 14.61 28.06
C ASP B 169 -2.17 13.35 27.79
N ASN B 170 -1.06 13.48 27.06
CA ASN B 170 -0.18 12.31 26.74
C ASN B 170 -0.89 11.19 25.99
N LEU B 171 -2.06 11.50 25.39
CA LEU B 171 -2.71 10.56 24.45
C LEU B 171 -2.60 11.06 23.01
N ALA B 172 -2.62 10.13 22.06
CA ALA B 172 -2.43 10.43 20.65
C ALA B 172 -3.31 11.60 20.14
N SER B 173 -2.66 12.47 19.41
CA SER B 173 -3.33 13.59 18.77
C SER B 173 -3.15 13.57 17.24
N MET B 174 -2.19 12.78 16.74
CA MET B 174 -1.93 12.71 15.30
C MET B 174 -1.16 11.43 15.04
N ILE B 175 -1.42 10.81 13.89
CA ILE B 175 -0.67 9.63 13.44
C ILE B 175 -0.18 9.83 12.00
N ARG B 176 1.13 9.73 11.79
CA ARG B 176 1.72 9.73 10.47
C ARG B 176 1.64 8.32 9.87
N LEU B 177 1.13 8.24 8.64
CA LEU B 177 0.94 6.96 7.92
C LEU B 177 2.18 6.70 7.02
N PRO B 178 3.08 5.79 7.44
CA PRO B 178 4.37 5.68 6.77
C PRO B 178 4.24 5.10 5.35
N GLN B 179 3.09 4.54 5.03
CA GLN B 179 2.87 4.00 3.68
C GLN B 179 2.85 5.10 2.64
N TYR B 180 2.63 6.34 3.09
CA TYR B 180 2.66 7.52 2.19
C TYR B 180 4.06 8.14 2.07
N GLY B 181 5.03 7.62 2.82
CA GLY B 181 6.41 8.01 2.67
C GLY B 181 6.66 9.49 2.94
N ASP B 182 7.52 10.10 2.14
CA ASP B 182 7.87 11.51 2.34
C ASP B 182 6.71 12.50 2.06
N ALA B 183 5.54 12.03 1.64
CA ALA B 183 4.35 12.91 1.60
C ALA B 183 3.93 13.35 3.00
N ASN B 184 4.42 12.64 4.02
CA ASN B 184 4.02 12.94 5.42
C ASN B 184 2.52 13.14 5.61
N VAL B 185 1.79 12.10 5.25
CA VAL B 185 0.35 12.09 5.37
C VAL B 185 -0.01 11.62 6.76
N VAL B 186 -0.98 12.30 7.35
CA VAL B 186 -1.43 12.07 8.73
C VAL B 186 -2.91 11.92 8.89
N LEU B 187 -3.28 11.24 9.98
CA LEU B 187 -4.62 11.27 10.54
C LEU B 187 -4.57 12.29 11.69
N ASP B 188 -5.38 13.34 11.57
CA ASP B 188 -5.41 14.45 12.52
C ASP B 188 -6.89 14.86 12.67
N PRO B 189 -7.49 14.69 13.88
CA PRO B 189 -8.89 15.00 13.98
C PRO B 189 -9.15 16.53 13.81
N ARG B 190 -8.09 17.33 13.84
CA ARG B 190 -8.23 18.81 13.66
C ARG B 190 -8.37 19.25 12.20
N ARG B 191 -8.09 18.34 11.25
CA ARG B 191 -8.02 18.71 9.83
C ARG B 191 -8.63 17.63 8.94
N GLY B 192 -9.29 18.04 7.87
CA GLY B 192 -9.88 17.11 6.92
C GLY B 192 -10.80 16.08 7.57
N TYR B 193 -11.46 16.45 8.66
CA TYR B 193 -12.34 15.55 9.43
C TYR B 193 -11.62 14.27 9.90
N GLY B 194 -10.29 14.30 10.05
CA GLY B 194 -9.56 13.10 10.50
C GLY B 194 -9.11 12.17 9.37
N GLN B 195 -9.57 12.44 8.15
CA GLN B 195 -9.14 11.70 6.93
C GLN B 195 -7.71 12.07 6.57
N PRO B 196 -7.00 11.17 5.84
CA PRO B 196 -5.60 11.43 5.50
C PRO B 196 -5.39 12.82 4.85
N VAL B 197 -4.52 13.60 5.47
CA VAL B 197 -4.11 14.91 4.93
C VAL B 197 -2.62 14.97 4.84
N PHE B 198 -2.10 15.77 3.88
CA PHE B 198 -0.71 16.10 3.83
C PHE B 198 -0.49 17.00 5.06
N ASP B 199 0.42 16.58 5.96
CA ASP B 199 0.69 17.35 7.20
C ASP B 199 1.09 18.80 6.82
N GLY B 200 1.83 18.92 5.72
CA GLY B 200 2.49 20.15 5.31
C GLY B 200 1.57 21.22 4.73
N SER B 201 0.42 20.82 4.19
CA SER B 201 -0.55 21.80 3.64
C SER B 201 -1.97 21.64 4.22
N GLY B 202 -2.21 20.56 4.96
CA GLY B 202 -3.54 20.25 5.50
C GLY B 202 -4.58 19.85 4.47
N VAL B 203 -4.10 19.56 3.24
CA VAL B 203 -4.99 19.08 2.18
C VAL B 203 -5.26 17.57 2.25
N ARG B 204 -6.53 17.19 2.06
CA ARG B 204 -6.90 15.79 1.99
C ARG B 204 -6.21 15.15 0.78
N VAL B 205 -5.58 14.01 1.00
CA VAL B 205 -5.05 13.21 -0.11
C VAL B 205 -6.15 13.00 -1.14
N ALA B 206 -7.38 12.78 -0.69
CA ALA B 206 -8.47 12.55 -1.62
C ALA B 206 -8.65 13.70 -2.63
N ASP B 207 -8.30 14.92 -2.23
CA ASP B 207 -8.60 16.09 -3.05
C ASP B 207 -7.58 16.33 -4.18
N VAL B 208 -6.46 15.59 -4.17
CA VAL B 208 -5.48 15.74 -5.26
C VAL B 208 -5.73 14.74 -6.39
N LEU B 209 -6.54 13.73 -6.07
CA LEU B 209 -6.79 12.57 -6.98
C LEU B 209 -7.64 12.94 -8.19
N GLY B 210 -8.70 13.70 -7.98
CA GLY B 210 -9.56 14.11 -9.08
C GLY B 210 -8.79 14.91 -10.12
N PRO B 211 -8.07 15.96 -9.69
CA PRO B 211 -7.26 16.73 -10.64
C PRO B 211 -6.21 15.91 -11.44
N LEU B 212 -5.49 15.00 -10.78
CA LEU B 212 -4.56 14.11 -11.50
C LEU B 212 -5.29 13.19 -12.47
N ARG B 213 -6.38 12.58 -12.02
CA ARG B 213 -7.17 11.72 -12.92
C ARG B 213 -7.69 12.48 -14.14
N ALA B 214 -8.08 13.73 -13.93
CA ALA B 214 -8.52 14.61 -15.02
C ALA B 214 -7.42 14.97 -16.02
N GLY B 215 -6.15 14.72 -15.69
CA GLY B 215 -5.09 14.99 -16.61
C GLY B 215 -4.24 16.20 -16.32
N ALA B 216 -4.44 16.85 -15.17
CA ALA B 216 -3.46 17.83 -14.72
C ALA B 216 -2.07 17.21 -14.49
N THR B 217 -1.03 18.02 -14.70
CA THR B 217 0.33 17.53 -14.53
C THR B 217 0.63 17.45 -13.03
N PHE B 218 1.61 16.62 -12.67
CA PHE B 218 2.07 16.56 -11.27
C PHE B 218 2.51 17.95 -10.79
N GLN B 219 3.19 18.71 -11.64
CA GLN B 219 3.65 20.06 -11.23
C GLN B 219 2.47 21.00 -10.92
N ALA B 220 1.46 21.00 -11.79
CA ALA B 220 0.29 21.89 -11.65
C ALA B 220 -0.47 21.53 -10.39
N VAL B 221 -0.68 20.23 -10.17
CA VAL B 221 -1.41 19.78 -8.96
C VAL B 221 -0.63 20.14 -7.69
N ALA B 222 0.67 19.88 -7.69
CA ALA B 222 1.53 20.10 -6.51
C ALA B 222 1.51 21.57 -6.11
N ASP B 223 1.60 22.45 -7.09
CA ASP B 223 1.48 23.88 -6.86
C ASP B 223 0.09 24.32 -6.39
N ASP B 224 -0.95 23.73 -6.96
CA ASP B 224 -2.31 24.06 -6.60
C ASP B 224 -2.64 23.62 -5.17
N TYR B 225 -2.00 22.53 -4.71
CA TYR B 225 -2.36 21.90 -3.42
C TYR B 225 -1.28 21.98 -2.34
N GLY B 226 -0.21 22.71 -2.64
CA GLY B 226 0.83 23.06 -1.64
C GLY B 226 1.74 21.92 -1.22
N VAL B 227 2.05 21.03 -2.17
CA VAL B 227 2.92 19.88 -1.92
C VAL B 227 3.91 19.87 -3.06
N THR B 228 4.81 18.89 -3.05
CA THR B 228 5.78 18.77 -4.11
C THR B 228 5.32 17.66 -5.07
N PRO B 229 5.80 17.65 -6.36
CA PRO B 229 5.47 16.54 -7.25
C PRO B 229 5.91 15.20 -6.70
N ASP B 230 7.08 15.14 -6.06
CA ASP B 230 7.55 13.89 -5.45
C ASP B 230 6.61 13.39 -4.34
N GLN B 231 6.17 14.30 -3.49
CA GLN B 231 5.15 13.97 -2.48
C GLN B 231 3.83 13.48 -3.10
N LEU B 232 3.40 14.06 -4.21
CA LEU B 232 2.19 13.59 -4.89
C LEU B 232 2.35 12.16 -5.37
N ARG B 233 3.53 11.86 -5.96
CA ARG B 233 3.80 10.49 -6.43
C ARG B 233 3.75 9.51 -5.27
N ASP B 234 4.38 9.89 -4.15
CA ASP B 234 4.33 9.09 -2.92
C ASP B 234 2.92 8.85 -2.42
N ALA B 235 2.07 9.86 -2.45
CA ALA B 235 0.67 9.67 -2.03
C ALA B 235 -0.11 8.74 -2.96
N LEU B 236 0.09 8.89 -4.27
CA LEU B 236 -0.66 8.15 -5.23
C LEU B 236 -0.42 6.66 -5.04
N ASP B 237 0.83 6.33 -4.72
CA ASP B 237 1.41 4.99 -4.68
C ASP B 237 1.39 4.40 -3.28
#